data_3TI9
#
_entry.id   3TI9
#
_cell.length_a   38.462
_cell.length_b   90.514
_cell.length_c   44.060
_cell.angle_alpha   90.000
_cell.angle_beta   109.990
_cell.angle_gamma   90.000
#
_symmetry.space_group_name_H-M   'P 1 21 1'
#
loop_
_entity.id
_entity.type
_entity.pdbx_description
1 polymer 'Serine protease'
2 non-polymer 'CALCIUM ION'
3 non-polymer GLYCEROL
4 non-polymer 'CHLORIDE ION'
5 water water
#
_entity_poly.entity_id   1
_entity_poly.type   'polypeptide(L)'
_entity_poly.pdbx_seq_one_letter_code
;AAPNDPSYRQQWHYFSNYGVKADKVWDRGFTGQGVVVSVVDTGILDHVDLNGNMLPGYDFISSAPKARDGDQRDNNPADE
GDWFDNWDCGGYPDPRREKRFSTWHGSHVAGTIAAVTNNGVGVAGVAYGAKVIPVRVLGKCGGYDSDITDGMYWSAGGHI
DGVPDNQNPAQVINMSLGGDGDCSQSSQRIIDKTTNLGALIVIAAGNENQDASRTWPSSCNNVLSVGATTPKGKRAPFSN
YGARVHLAAPGTNILSTIDVGQAGPVRSSYGMKAGTSMAAPHVSGVAALVISAANSIGKTLTPSELSDILVRTTSRFNGR
LDRGLGSGIVDANAAVNAVLGDQNLEHHHHHH
;
_entity_poly.pdbx_strand_id   A
#
loop_
_chem_comp.id
_chem_comp.type
_chem_comp.name
_chem_comp.formula
CA non-polymer 'CALCIUM ION' 'Ca 2'
CL non-polymer 'CHLORIDE ION' 'Cl -1'
GOL non-polymer GLYCEROL 'C3 H8 O3'
#
# COMPACT_ATOMS: atom_id res chain seq x y z
N ALA A 2 7.14 -13.03 19.95
CA ALA A 2 6.94 -12.96 18.47
C ALA A 2 5.58 -13.56 18.07
N PRO A 3 4.96 -13.01 17.01
CA PRO A 3 3.77 -13.67 16.45
C PRO A 3 4.02 -15.14 16.10
N ASN A 4 3.00 -15.98 16.25
CA ASN A 4 3.14 -17.42 16.03
C ASN A 4 2.93 -17.87 14.57
N ASP A 5 2.67 -16.92 13.68
CA ASP A 5 2.48 -17.23 12.27
C ASP A 5 3.75 -17.91 11.76
N PRO A 6 3.62 -19.12 11.18
CA PRO A 6 4.80 -19.93 10.84
C PRO A 6 5.75 -19.30 9.81
N SER A 7 5.25 -18.37 9.01
CA SER A 7 6.07 -17.70 8.00
C SER A 7 6.57 -16.31 8.46
N TYR A 8 6.20 -15.91 9.67
CA TYR A 8 6.68 -14.64 10.23
C TYR A 8 8.20 -14.59 10.26
N ARG A 9 8.83 -15.71 10.62
CA ARG A 9 10.30 -15.83 10.65
C ARG A 9 10.99 -15.43 9.33
N GLN A 10 10.26 -15.51 8.22
CA GLN A 10 10.80 -15.15 6.91
C GLN A 10 10.61 -13.67 6.58
N GLN A 11 9.83 -12.98 7.41
CA GLN A 11 9.46 -11.58 7.13
C GLN A 11 10.49 -10.62 7.74
N TRP A 12 11.73 -10.76 7.28
CA TRP A 12 12.89 -9.98 7.73
C TRP A 12 12.58 -8.47 7.77
N HIS A 13 11.72 -8.04 6.86
CA HIS A 13 11.40 -6.63 6.64
C HIS A 13 10.62 -6.01 7.82
N TYR A 14 10.14 -6.86 8.73
CA TYR A 14 9.45 -6.41 9.94
C TYR A 14 10.35 -6.24 11.17
N PHE A 15 11.42 -7.01 11.26
CA PHE A 15 12.17 -7.14 12.52
C PHE A 15 13.70 -7.18 12.41
N SER A 16 14.24 -7.35 11.21
CA SER A 16 15.69 -7.54 11.03
C SER A 16 16.43 -6.25 10.69
N ASN A 17 17.74 -6.36 10.43
CA ASN A 17 18.53 -5.24 9.93
C ASN A 17 17.87 -4.63 8.71
N TYR A 18 17.75 -3.30 8.71
CA TYR A 18 17.13 -2.54 7.62
C TYR A 18 15.64 -2.81 7.43
N GLY A 19 15.03 -3.42 8.44
CA GLY A 19 13.58 -3.58 8.51
C GLY A 19 12.96 -2.40 9.23
N VAL A 20 11.64 -2.47 9.45
CA VAL A 20 10.90 -1.31 9.97
C VAL A 20 10.69 -1.31 11.49
N LYS A 21 11.25 -2.29 12.18
CA LYS A 21 11.16 -2.40 13.65
C LYS A 21 9.70 -2.46 14.14
N ALA A 22 8.84 -3.09 13.34
CA ALA A 22 7.42 -3.26 13.68
C ALA A 22 7.25 -4.04 14.98
N ASP A 23 8.13 -5.02 15.20
CA ASP A 23 8.04 -5.91 16.37
C ASP A 23 8.21 -5.16 17.69
N LYS A 24 9.07 -4.14 17.70
CA LYS A 24 9.30 -3.34 18.90
C LYS A 24 8.06 -2.54 19.32
N VAL A 25 7.27 -2.11 18.34
CA VAL A 25 5.98 -1.44 18.62
C VAL A 25 4.89 -2.42 19.07
N TRP A 26 4.84 -3.60 18.46
CA TRP A 26 3.92 -4.65 18.93
C TRP A 26 4.21 -4.96 20.38
N ASP A 27 5.50 -5.11 20.70
CA ASP A 27 5.92 -5.35 22.09
C ASP A 27 5.38 -4.27 23.03
N ARG A 28 5.36 -3.03 22.55
CA ARG A 28 4.88 -1.88 23.33
C ARG A 28 3.35 -1.87 23.49
N GLY A 29 2.67 -2.67 22.66
CA GLY A 29 1.23 -2.86 22.79
C GLY A 29 0.39 -2.18 21.71
N PHE A 30 1.05 -1.69 20.67
CA PHE A 30 0.36 -1.02 19.58
C PHE A 30 0.45 -1.81 18.29
N THR A 31 -0.72 -2.02 17.69
CA THR A 31 -0.85 -2.85 16.49
C THR A 31 -1.75 -2.18 15.44
N GLY A 32 -2.10 -0.91 15.67
CA GLY A 32 -2.97 -0.19 14.75
C GLY A 32 -4.45 -0.34 15.09
N GLN A 33 -4.73 -0.71 16.33
CA GLN A 33 -6.10 -0.86 16.82
C GLN A 33 -6.95 0.38 16.48
N GLY A 34 -8.14 0.16 15.92
CA GLY A 34 -9.09 1.24 15.67
C GLY A 34 -8.77 2.12 14.47
N VAL A 35 -7.76 1.72 13.69
CA VAL A 35 -7.37 2.46 12.49
C VAL A 35 -7.90 1.74 11.25
N VAL A 36 -8.44 2.50 10.32
CA VAL A 36 -8.87 1.98 9.02
C VAL A 36 -7.90 2.43 7.94
N VAL A 37 -7.41 1.46 7.16
CA VAL A 37 -6.47 1.71 6.07
C VAL A 37 -7.10 1.25 4.75
N SER A 38 -7.15 2.14 3.77
CA SER A 38 -7.64 1.77 2.45
C SER A 38 -6.50 1.26 1.58
N VAL A 39 -6.78 0.21 0.81
CA VAL A 39 -5.84 -0.28 -0.19
C VAL A 39 -6.49 -0.07 -1.56
N VAL A 40 -5.96 0.91 -2.28
CA VAL A 40 -6.50 1.29 -3.59
C VAL A 40 -5.64 0.54 -4.62
N ASP A 41 -6.20 -0.54 -5.16
CA ASP A 41 -5.39 -1.52 -5.88
C ASP A 41 -6.26 -2.46 -6.71
N THR A 42 -5.80 -3.71 -6.90
CA THR A 42 -6.47 -4.68 -7.75
C THR A 42 -7.66 -5.37 -7.09
N GLY A 43 -7.95 -5.03 -5.84
CA GLY A 43 -9.00 -5.73 -5.09
C GLY A 43 -8.46 -6.75 -4.10
N ILE A 44 -9.34 -7.64 -3.63
CA ILE A 44 -9.00 -8.52 -2.51
C ILE A 44 -9.37 -9.97 -2.79
N LEU A 45 -8.54 -10.88 -2.27
CA LEU A 45 -8.80 -12.31 -2.34
C LEU A 45 -9.59 -12.78 -1.13
N ASP A 46 -10.36 -13.85 -1.32
CA ASP A 46 -10.89 -14.63 -0.22
C ASP A 46 -9.71 -15.44 0.31
N HIS A 47 -9.17 -15.01 1.45
CA HIS A 47 -7.92 -15.56 1.96
C HIS A 47 -7.99 -15.61 3.47
N VAL A 48 -7.78 -16.81 4.03
CA VAL A 48 -7.84 -17.05 5.48
C VAL A 48 -7.00 -16.05 6.27
N ASP A 49 -5.89 -15.60 5.68
CA ASP A 49 -4.99 -14.68 6.36
C ASP A 49 -5.27 -13.20 6.07
N LEU A 50 -6.43 -12.94 5.45
CA LEU A 50 -6.88 -11.60 5.17
C LEU A 50 -8.30 -11.32 5.69
N ASN A 51 -9.21 -12.27 5.45
CA ASN A 51 -10.65 -12.08 5.70
C ASN A 51 -10.99 -11.39 7.02
N GLY A 52 -10.43 -11.91 8.10
CA GLY A 52 -10.70 -11.39 9.44
C GLY A 52 -10.39 -9.93 9.64
N ASN A 53 -9.45 -9.39 8.85
CA ASN A 53 -9.03 -8.00 9.02
C ASN A 53 -9.53 -7.03 7.94
N MET A 54 -10.52 -7.48 7.16
CA MET A 54 -11.07 -6.67 6.08
C MET A 54 -12.43 -6.09 6.47
N LEU A 55 -12.63 -4.82 6.17
CA LEU A 55 -13.94 -4.17 6.26
C LEU A 55 -14.51 -4.02 4.84
N PRO A 56 -15.82 -3.72 4.71
CA PRO A 56 -16.43 -3.60 3.38
C PRO A 56 -15.76 -2.53 2.52
N GLY A 57 -15.43 -2.89 1.29
CA GLY A 57 -14.81 -1.95 0.36
C GLY A 57 -15.74 -1.61 -0.77
N TYR A 58 -15.17 -1.40 -1.95
CA TYR A 58 -15.96 -1.09 -3.14
C TYR A 58 -15.15 -1.31 -4.41
N ASP A 59 -15.85 -1.71 -5.48
CA ASP A 59 -15.24 -1.95 -6.78
C ASP A 59 -15.57 -0.77 -7.69
N PHE A 60 -14.57 0.06 -7.92
CA PHE A 60 -14.73 1.25 -8.76
C PHE A 60 -14.44 1.03 -10.24
N ILE A 61 -14.07 -0.18 -10.64
CA ILE A 61 -13.81 -0.46 -12.05
C ILE A 61 -15.11 -0.29 -12.86
N SER A 62 -15.12 0.70 -13.75
CA SER A 62 -16.30 1.06 -14.55
C SER A 62 -16.55 0.13 -15.73
N SER A 63 -15.49 -0.51 -16.23
CA SER A 63 -15.57 -1.42 -17.36
C SER A 63 -15.81 -2.84 -16.87
N ALA A 64 -16.96 -3.40 -17.25
CA ALA A 64 -17.30 -4.78 -16.89
C ALA A 64 -16.28 -5.82 -17.40
N PRO A 65 -15.90 -5.75 -18.70
CA PRO A 65 -14.90 -6.71 -19.20
C PRO A 65 -13.58 -6.67 -18.46
N LYS A 66 -13.12 -5.46 -18.09
CA LYS A 66 -11.86 -5.31 -17.38
C LYS A 66 -11.94 -5.76 -15.91
N ALA A 67 -13.13 -5.66 -15.32
CA ALA A 67 -13.38 -6.10 -13.95
C ALA A 67 -13.60 -7.61 -13.84
N ARG A 68 -13.95 -8.26 -14.96
CA ARG A 68 -14.15 -9.72 -15.04
C ARG A 68 -15.20 -10.25 -14.05
N ASP A 69 -16.23 -9.45 -13.80
CA ASP A 69 -17.27 -9.80 -12.84
C ASP A 69 -18.69 -9.56 -13.37
N GLY A 70 -18.79 -9.28 -14.66
CA GLY A 70 -20.08 -9.17 -15.35
C GLY A 70 -20.88 -7.88 -15.15
N ASP A 71 -20.35 -6.95 -14.34
CA ASP A 71 -21.02 -5.67 -14.15
C ASP A 71 -20.04 -4.49 -14.02
N GLN A 72 -20.58 -3.28 -13.99
CA GLN A 72 -19.75 -2.10 -13.82
C GLN A 72 -19.42 -1.92 -12.34
N ARG A 73 -19.50 -0.70 -11.81
CA ARG A 73 -19.15 -0.50 -10.40
C ARG A 73 -20.10 -1.28 -9.50
N ASP A 74 -19.55 -1.85 -8.43
CA ASP A 74 -20.29 -2.73 -7.53
C ASP A 74 -19.66 -2.80 -6.15
N ASN A 75 -20.37 -3.38 -5.19
CA ASN A 75 -19.93 -3.42 -3.79
C ASN A 75 -19.07 -4.62 -3.40
N ASN A 76 -18.55 -5.33 -4.40
CA ASN A 76 -17.71 -6.51 -4.17
C ASN A 76 -16.32 -6.30 -4.77
N PRO A 77 -15.36 -5.83 -3.95
CA PRO A 77 -14.00 -5.57 -4.45
C PRO A 77 -13.16 -6.84 -4.60
N ALA A 78 -13.77 -7.97 -4.95
CA ALA A 78 -13.01 -9.19 -5.18
C ALA A 78 -12.04 -9.02 -6.36
N ASP A 79 -10.79 -9.42 -6.15
CA ASP A 79 -9.83 -9.47 -7.26
C ASP A 79 -10.08 -10.73 -8.09
N GLU A 80 -10.59 -10.53 -9.32
CA GLU A 80 -10.90 -11.63 -10.23
C GLU A 80 -9.68 -12.07 -11.04
N GLY A 81 -8.56 -11.37 -10.85
CA GLY A 81 -7.34 -11.62 -11.58
C GLY A 81 -7.13 -10.60 -12.68
N ASP A 82 -5.90 -10.09 -12.78
CA ASP A 82 -5.56 -9.10 -13.80
C ASP A 82 -4.68 -9.65 -14.92
N TRP A 83 -4.62 -10.98 -15.05
CA TRP A 83 -3.83 -11.61 -16.11
C TRP A 83 -4.33 -11.15 -17.48
N PHE A 84 -3.52 -11.36 -18.50
CA PHE A 84 -4.00 -11.27 -19.88
C PHE A 84 -3.16 -12.16 -20.79
N ASP A 85 -3.74 -12.51 -21.94
CA ASP A 85 -3.03 -13.25 -22.97
C ASP A 85 -3.48 -12.80 -24.34
N ASN A 86 -2.79 -13.28 -25.38
CA ASN A 86 -3.16 -13.04 -26.77
C ASN A 86 -3.31 -11.55 -27.11
N TRP A 87 -2.40 -10.75 -26.55
CA TRP A 87 -2.39 -9.30 -26.77
C TRP A 87 -3.72 -8.61 -26.42
N ASP A 88 -4.41 -9.14 -25.42
CA ASP A 88 -5.72 -8.64 -25.01
C ASP A 88 -5.65 -7.15 -24.63
N CYS A 89 -4.49 -6.70 -24.15
CA CYS A 89 -4.29 -5.31 -23.75
C CYS A 89 -3.56 -4.48 -24.83
N GLY A 90 -3.55 -4.99 -26.06
CA GLY A 90 -2.93 -4.31 -27.19
C GLY A 90 -1.48 -4.70 -27.45
N GLY A 91 -0.89 -4.07 -28.47
CA GLY A 91 0.54 -4.20 -28.74
C GLY A 91 0.99 -5.28 -29.70
N TYR A 92 0.05 -6.04 -30.26
CA TYR A 92 0.37 -7.04 -31.30
C TYR A 92 1.19 -6.38 -32.43
N PRO A 93 2.24 -7.07 -32.93
CA PRO A 93 2.72 -8.41 -32.60
C PRO A 93 3.90 -8.50 -31.62
N ASP A 94 4.19 -7.42 -30.89
CA ASP A 94 5.32 -7.40 -29.96
C ASP A 94 5.20 -8.53 -28.92
N PRO A 95 6.12 -9.51 -28.97
CA PRO A 95 6.07 -10.68 -28.08
C PRO A 95 6.04 -10.30 -26.59
N ARG A 96 6.63 -9.15 -26.26
CA ARG A 96 6.71 -8.69 -24.87
C ARG A 96 5.39 -8.10 -24.36
N ARG A 97 4.45 -7.85 -25.27
CA ARG A 97 3.12 -7.34 -24.91
C ARG A 97 2.04 -8.43 -24.94
N GLU A 98 2.46 -9.67 -25.19
CA GLU A 98 1.50 -10.77 -25.45
C GLU A 98 0.69 -11.22 -24.23
N LYS A 99 1.36 -11.39 -23.09
CA LYS A 99 0.73 -12.01 -21.92
C LYS A 99 1.40 -11.68 -20.60
N ARG A 100 0.60 -11.77 -19.53
CA ARG A 100 1.09 -11.65 -18.14
C ARG A 100 0.26 -12.55 -17.25
N PHE A 101 0.87 -13.10 -16.20
CA PHE A 101 0.12 -13.79 -15.17
C PHE A 101 -0.53 -12.79 -14.21
N SER A 102 -1.55 -13.23 -13.49
CA SER A 102 -2.20 -12.40 -12.46
C SER A 102 -1.24 -12.00 -11.33
N THR A 103 -1.39 -10.77 -10.85
CA THR A 103 -0.48 -10.22 -9.84
C THR A 103 -0.91 -10.47 -8.39
N TRP A 104 -2.22 -10.51 -8.15
CA TRP A 104 -2.78 -10.52 -6.78
C TRP A 104 -2.16 -9.38 -5.96
N HIS A 105 -1.91 -8.29 -6.68
CA HIS A 105 -1.14 -7.15 -6.17
C HIS A 105 -1.81 -6.57 -4.93
N GLY A 106 -3.11 -6.30 -5.04
CA GLY A 106 -3.89 -5.72 -3.95
C GLY A 106 -3.87 -6.55 -2.68
N SER A 107 -3.89 -7.87 -2.83
CA SER A 107 -3.84 -8.78 -1.68
C SER A 107 -2.47 -8.85 -1.02
N HIS A 108 -1.39 -8.83 -1.82
CA HIS A 108 -0.02 -8.82 -1.28
C HIS A 108 0.16 -7.55 -0.44
N VAL A 109 -0.24 -6.42 -1.03
CA VAL A 109 -0.21 -5.12 -0.37
C VAL A 109 -1.04 -5.09 0.92
N ALA A 110 -2.28 -5.57 0.85
CA ALA A 110 -3.16 -5.60 2.03
C ALA A 110 -2.59 -6.47 3.16
N GLY A 111 -1.95 -7.59 2.81
CA GLY A 111 -1.30 -8.48 3.80
C GLY A 111 -0.16 -7.82 4.55
N THR A 112 0.63 -7.01 3.83
CA THR A 112 1.72 -6.24 4.44
C THR A 112 1.17 -5.27 5.51
N ILE A 113 0.03 -4.65 5.20
CA ILE A 113 -0.60 -3.71 6.13
C ILE A 113 -1.23 -4.43 7.33
N ALA A 114 -2.05 -5.44 7.06
CA ALA A 114 -2.86 -6.06 8.11
C ALA A 114 -3.24 -7.53 7.92
N ALA A 115 -2.30 -8.36 7.45
CA ALA A 115 -2.54 -9.81 7.43
C ALA A 115 -2.92 -10.25 8.85
N VAL A 116 -3.89 -11.15 8.95
CA VAL A 116 -4.30 -11.70 10.25
C VAL A 116 -3.10 -12.33 10.92
N THR A 117 -2.79 -11.86 12.13
CA THR A 117 -1.58 -12.23 12.86
C THR A 117 -1.95 -12.97 14.15
N ASN A 118 -1.06 -13.82 14.64
CA ASN A 118 -1.33 -14.68 15.80
C ASN A 118 -2.56 -15.56 15.59
N ASN A 119 -2.68 -16.13 14.38
CA ASN A 119 -3.73 -17.09 14.09
C ASN A 119 -3.18 -18.47 13.68
N GLY A 120 -1.89 -18.68 13.92
CA GLY A 120 -1.23 -19.98 13.68
C GLY A 120 -1.10 -20.40 12.23
N VAL A 121 -1.26 -19.45 11.31
CA VAL A 121 -1.25 -19.73 9.86
C VAL A 121 -0.59 -18.58 9.10
N GLY A 122 0.15 -18.93 8.04
CA GLY A 122 0.73 -17.95 7.14
C GLY A 122 1.65 -16.93 7.76
N VAL A 123 1.31 -15.65 7.54
CA VAL A 123 2.21 -14.53 7.79
C VAL A 123 1.64 -13.54 8.81
N ALA A 124 2.38 -12.49 9.10
CA ALA A 124 1.92 -11.41 9.95
C ALA A 124 1.80 -10.13 9.14
N GLY A 125 1.09 -9.14 9.69
CA GLY A 125 0.98 -7.80 9.09
C GLY A 125 1.57 -6.74 10.00
N VAL A 126 2.04 -5.64 9.41
CA VAL A 126 2.68 -4.55 10.18
C VAL A 126 1.74 -3.96 11.21
N ALA A 127 0.50 -3.69 10.79
CA ALA A 127 -0.52 -3.13 11.66
C ALA A 127 -1.71 -4.10 11.77
N TYR A 128 -1.47 -5.26 12.38
CA TYR A 128 -2.45 -6.36 12.36
C TYR A 128 -3.67 -6.16 13.27
N GLY A 129 -3.65 -5.09 14.04
CA GLY A 129 -4.81 -4.66 14.81
C GLY A 129 -5.71 -3.70 14.05
N ALA A 130 -5.22 -3.19 12.92
CA ALA A 130 -6.01 -2.32 12.04
C ALA A 130 -6.95 -3.12 11.15
N LYS A 131 -7.83 -2.43 10.43
CA LYS A 131 -8.66 -3.07 9.41
C LYS A 131 -8.47 -2.39 8.06
N VAL A 132 -8.59 -3.17 6.99
CA VAL A 132 -8.39 -2.67 5.64
C VAL A 132 -9.73 -2.58 4.89
N ILE A 133 -9.94 -1.46 4.20
CA ILE A 133 -11.01 -1.42 3.18
C ILE A 133 -10.39 -1.61 1.79
N PRO A 134 -10.73 -2.72 1.10
CA PRO A 134 -10.22 -2.89 -0.25
C PRO A 134 -11.00 -2.07 -1.26
N VAL A 135 -10.30 -1.14 -1.90
CA VAL A 135 -10.89 -0.27 -2.91
C VAL A 135 -10.32 -0.68 -4.27
N ARG A 136 -11.13 -1.43 -5.01
CA ARG A 136 -10.70 -2.02 -6.28
C ARG A 136 -10.82 -1.02 -7.43
N VAL A 137 -9.70 -0.67 -8.01
CA VAL A 137 -9.66 0.29 -9.12
C VAL A 137 -8.86 -0.23 -10.32
N LEU A 138 -8.13 -1.33 -10.11
CA LEU A 138 -7.28 -1.91 -11.16
C LEU A 138 -7.75 -3.31 -11.54
N GLY A 139 -7.94 -3.54 -12.83
CA GLY A 139 -8.29 -4.86 -13.35
C GLY A 139 -7.39 -5.24 -14.51
N LYS A 140 -7.99 -5.88 -15.52
CA LYS A 140 -7.26 -6.22 -16.74
C LYS A 140 -6.80 -4.95 -17.45
N CYS A 141 -5.53 -4.94 -17.85
CA CYS A 141 -4.89 -3.79 -18.55
C CYS A 141 -4.70 -2.53 -17.68
N GLY A 142 -4.73 -2.68 -16.36
CA GLY A 142 -4.51 -1.56 -15.45
C GLY A 142 -5.78 -0.92 -14.95
N GLY A 143 -5.83 0.41 -14.98
CA GLY A 143 -6.99 1.15 -14.45
C GLY A 143 -7.26 2.48 -15.13
N TYR A 144 -8.50 2.94 -15.04
CA TYR A 144 -8.91 4.25 -15.56
C TYR A 144 -8.65 5.35 -14.54
N ASP A 145 -8.07 6.46 -15.00
CA ASP A 145 -7.80 7.63 -14.16
C ASP A 145 -8.92 7.97 -13.18
N SER A 146 -10.14 8.09 -13.71
CA SER A 146 -11.28 8.50 -12.89
C SER A 146 -11.72 7.43 -11.87
N ASP A 147 -11.54 6.16 -12.20
CA ASP A 147 -11.84 5.08 -11.25
C ASP A 147 -10.89 5.13 -10.05
N ILE A 148 -9.61 5.38 -10.35
CA ILE A 148 -8.57 5.42 -9.31
C ILE A 148 -8.82 6.58 -8.33
N THR A 149 -9.08 7.76 -8.86
CA THR A 149 -9.29 8.95 -8.02
C THR A 149 -10.64 8.96 -7.31
N ASP A 150 -11.69 8.48 -7.98
CA ASP A 150 -12.98 8.26 -7.32
C ASP A 150 -12.80 7.33 -6.11
N GLY A 151 -12.08 6.22 -6.34
CA GLY A 151 -11.80 5.27 -5.26
C GLY A 151 -11.03 5.90 -4.11
N MET A 152 -10.00 6.66 -4.44
CA MET A 152 -9.16 7.35 -3.45
C MET A 152 -9.98 8.30 -2.58
N TYR A 153 -10.78 9.14 -3.24
CA TYR A 153 -11.66 10.11 -2.57
C TYR A 153 -12.69 9.42 -1.67
N TRP A 154 -13.36 8.40 -2.20
CA TRP A 154 -14.33 7.60 -1.43
C TRP A 154 -13.69 6.99 -0.18
N SER A 155 -12.45 6.53 -0.33
CA SER A 155 -11.68 5.93 0.78
C SER A 155 -11.66 6.81 2.03
N ALA A 156 -11.53 8.12 1.82
CA ALA A 156 -11.44 9.10 2.91
C ALA A 156 -12.81 9.54 3.43
N GLY A 157 -13.88 9.06 2.78
CA GLY A 157 -15.25 9.46 3.11
C GLY A 157 -15.88 10.43 2.13
N GLY A 158 -15.22 10.64 0.99
CA GLY A 158 -15.76 11.50 -0.05
C GLY A 158 -16.96 10.89 -0.73
N HIS A 159 -18.00 11.68 -0.97
CA HIS A 159 -19.17 11.21 -1.71
C HIS A 159 -18.90 11.09 -3.22
N ILE A 160 -19.22 9.92 -3.77
CA ILE A 160 -19.22 9.71 -5.23
C ILE A 160 -20.65 9.36 -5.66
N ASP A 161 -21.21 10.13 -6.60
CA ASP A 161 -22.53 9.86 -7.17
C ASP A 161 -22.64 8.41 -7.68
N GLY A 162 -23.76 7.76 -7.34
CA GLY A 162 -24.03 6.38 -7.75
C GLY A 162 -23.39 5.30 -6.89
N VAL A 163 -22.64 5.71 -5.88
CA VAL A 163 -21.99 4.80 -4.95
C VAL A 163 -22.49 5.08 -3.53
N PRO A 164 -22.90 4.03 -2.79
CA PRO A 164 -23.25 4.21 -1.37
C PRO A 164 -22.10 4.81 -0.59
N ASP A 165 -22.40 5.77 0.29
CA ASP A 165 -21.37 6.43 1.08
C ASP A 165 -20.54 5.48 1.94
N ASN A 166 -19.25 5.78 2.04
CA ASN A 166 -18.33 4.98 2.83
C ASN A 166 -18.62 5.12 4.33
N GLN A 167 -18.95 4.01 4.97
CA GLN A 167 -19.27 4.00 6.40
C GLN A 167 -18.04 3.67 7.23
N ASN A 168 -16.91 3.48 6.56
CA ASN A 168 -15.64 3.23 7.22
C ASN A 168 -14.55 4.12 6.62
N PRO A 169 -14.64 5.45 6.81
CA PRO A 169 -13.61 6.32 6.24
C PRO A 169 -12.24 5.97 6.80
N ALA A 170 -11.24 6.00 5.93
CA ALA A 170 -9.88 5.61 6.24
C ALA A 170 -9.02 6.82 6.66
N GLN A 171 -8.16 6.60 7.64
CA GLN A 171 -7.19 7.62 8.06
C GLN A 171 -5.87 7.52 7.26
N VAL A 172 -5.65 6.39 6.62
CA VAL A 172 -4.47 6.16 5.78
C VAL A 172 -4.92 5.50 4.48
N ILE A 173 -4.50 6.07 3.36
CA ILE A 173 -4.88 5.55 2.05
C ILE A 173 -3.63 5.11 1.30
N ASN A 174 -3.51 3.81 1.08
CA ASN A 174 -2.36 3.23 0.40
C ASN A 174 -2.62 3.13 -1.09
N MET A 175 -1.78 3.80 -1.86
CA MET A 175 -1.87 3.77 -3.32
C MET A 175 -0.58 3.23 -3.93
N SER A 176 -0.49 1.91 -4.03
CA SER A 176 0.65 1.22 -4.64
C SER A 176 0.40 1.10 -6.14
N LEU A 177 0.37 2.24 -6.82
CA LEU A 177 0.02 2.30 -8.24
C LEU A 177 0.55 3.60 -8.84
N GLY A 178 0.46 3.70 -10.16
CA GLY A 178 0.82 4.93 -10.86
C GLY A 178 1.58 4.63 -12.13
N GLY A 179 2.13 5.68 -12.74
CA GLY A 179 2.87 5.56 -13.98
C GLY A 179 3.50 6.87 -14.38
N ASP A 180 4.17 6.87 -15.53
CA ASP A 180 4.80 8.07 -16.07
C ASP A 180 3.78 9.19 -16.26
N GLY A 181 4.16 10.39 -15.85
CA GLY A 181 3.28 11.54 -15.97
C GLY A 181 3.47 12.60 -14.91
N ASP A 182 2.94 13.79 -15.19
CA ASP A 182 2.92 14.86 -14.21
C ASP A 182 1.56 14.88 -13.51
N CYS A 183 1.37 15.83 -12.60
CA CYS A 183 0.12 16.00 -11.90
C CYS A 183 -0.65 17.18 -12.48
N SER A 184 -1.81 16.89 -13.07
CA SER A 184 -2.70 17.94 -13.57
C SER A 184 -3.37 18.66 -12.40
N GLN A 185 -3.81 19.89 -12.65
CA GLN A 185 -4.54 20.69 -11.66
C GLN A 185 -5.78 19.95 -11.15
N SER A 186 -6.38 19.15 -12.04
CA SER A 186 -7.53 18.33 -11.71
C SER A 186 -7.15 17.20 -10.75
N SER A 187 -6.09 16.47 -11.08
CA SER A 187 -5.58 15.40 -10.24
C SER A 187 -5.08 15.90 -8.88
N GLN A 188 -4.48 17.10 -8.88
CA GLN A 188 -4.06 17.74 -7.64
C GLN A 188 -5.25 18.14 -6.78
N ARG A 189 -6.30 18.63 -7.44
CA ARG A 189 -7.53 19.04 -6.75
C ARG A 189 -8.16 17.88 -5.97
N ILE A 190 -8.25 16.71 -6.59
CA ILE A 190 -8.85 15.55 -5.93
C ILE A 190 -7.97 14.97 -4.80
N ILE A 191 -6.66 14.98 -5.01
CA ILE A 191 -5.71 14.62 -3.95
C ILE A 191 -5.88 15.54 -2.74
N ASP A 192 -5.98 16.84 -3.00
CA ASP A 192 -6.10 17.83 -1.92
C ASP A 192 -7.40 17.66 -1.13
N LYS A 193 -8.51 17.50 -1.85
CA LYS A 193 -9.83 17.18 -1.27
C LYS A 193 -9.79 15.96 -0.37
N THR A 194 -9.00 14.96 -0.78
CA THR A 194 -8.91 13.69 -0.09
C THR A 194 -8.08 13.82 1.21
N THR A 195 -6.88 14.37 1.10
CA THR A 195 -5.99 14.49 2.26
C THR A 195 -6.48 15.51 3.30
N ASN A 196 -7.10 16.59 2.83
CA ASN A 196 -7.62 17.62 3.74
C ASN A 196 -8.94 17.24 4.45
N LEU A 197 -9.48 16.06 4.12
CA LEU A 197 -10.50 15.42 4.97
C LEU A 197 -9.86 14.83 6.23
N GLY A 198 -8.55 14.66 6.22
CA GLY A 198 -7.80 14.16 7.37
C GLY A 198 -7.12 12.81 7.14
N ALA A 199 -7.02 12.40 5.88
CA ALA A 199 -6.40 11.12 5.50
C ALA A 199 -4.99 11.31 4.93
N LEU A 200 -4.07 10.43 5.33
CA LEU A 200 -2.72 10.45 4.76
C LEU A 200 -2.66 9.56 3.53
N ILE A 201 -2.26 10.15 2.40
CA ILE A 201 -2.10 9.39 1.15
C ILE A 201 -0.64 8.93 0.99
N VAL A 202 -0.44 7.63 1.12
CA VAL A 202 0.88 7.01 1.02
C VAL A 202 0.98 6.36 -0.37
N ILE A 203 2.01 6.72 -1.13
CA ILE A 203 2.13 6.24 -2.50
C ILE A 203 3.47 5.55 -2.79
N ALA A 204 3.45 4.63 -3.77
CA ALA A 204 4.67 3.99 -4.25
C ALA A 204 5.38 4.96 -5.18
N ALA A 205 6.69 5.11 -5.02
CA ALA A 205 7.45 6.08 -5.83
C ALA A 205 7.55 5.67 -7.30
N GLY A 206 7.38 4.37 -7.58
CA GLY A 206 7.46 3.84 -8.95
C GLY A 206 8.71 3.03 -9.19
N ASN A 207 8.68 2.21 -10.25
CA ASN A 207 9.73 1.22 -10.50
C ASN A 207 10.51 1.38 -11.80
N GLU A 208 10.73 2.62 -12.22
CA GLU A 208 11.36 2.90 -13.52
C GLU A 208 12.83 3.33 -13.42
N ASN A 209 13.40 3.26 -12.21
CA ASN A 209 14.77 3.73 -11.97
C ASN A 209 15.00 5.15 -12.54
N GLN A 210 14.09 6.06 -12.18
CA GLN A 210 14.15 7.43 -12.67
C GLN A 210 13.76 8.39 -11.56
N ASP A 211 13.89 9.69 -11.81
CA ASP A 211 13.44 10.67 -10.85
C ASP A 211 11.92 10.61 -10.73
N ALA A 212 11.43 10.48 -9.50
CA ALA A 212 9.98 10.29 -9.26
C ALA A 212 9.10 11.46 -9.71
N SER A 213 9.71 12.62 -9.94
CA SER A 213 9.00 13.80 -10.46
C SER A 213 8.44 13.54 -11.86
N ARG A 214 8.93 12.49 -12.51
CA ARG A 214 8.48 12.09 -13.84
C ARG A 214 7.30 11.11 -13.78
N THR A 215 6.77 10.90 -12.58
CA THR A 215 5.69 9.92 -12.37
C THR A 215 4.53 10.49 -11.57
N TRP A 216 3.35 9.91 -11.80
CA TRP A 216 2.16 10.19 -11.00
C TRP A 216 1.94 9.00 -10.05
N PRO A 217 1.54 9.25 -8.79
CA PRO A 217 1.24 10.54 -8.16
C PRO A 217 2.40 11.25 -7.44
N SER A 218 3.64 10.82 -7.65
CA SER A 218 4.79 11.44 -6.99
C SER A 218 5.01 12.90 -7.39
N SER A 219 4.63 13.24 -8.62
CA SER A 219 4.74 14.62 -9.11
C SER A 219 3.75 15.56 -8.41
N CYS A 220 2.73 14.98 -7.78
CA CYS A 220 1.75 15.74 -7.00
C CYS A 220 2.26 16.15 -5.62
N ASN A 221 1.69 17.24 -5.10
CA ASN A 221 1.93 17.67 -3.74
C ASN A 221 0.99 16.96 -2.77
N ASN A 222 1.33 17.04 -1.48
CA ASN A 222 0.49 16.55 -0.37
C ASN A 222 0.30 15.03 -0.33
N VAL A 223 1.26 14.29 -0.90
CA VAL A 223 1.31 12.83 -0.77
C VAL A 223 2.64 12.40 -0.14
N LEU A 224 2.64 11.24 0.49
CA LEU A 224 3.86 10.65 1.05
C LEU A 224 4.41 9.58 0.11
N SER A 225 5.48 9.92 -0.58
CA SER A 225 6.08 9.06 -1.60
C SER A 225 7.18 8.18 -1.03
N VAL A 226 7.06 6.88 -1.26
CA VAL A 226 7.92 5.87 -0.64
C VAL A 226 8.78 5.12 -1.66
N GLY A 227 10.10 5.20 -1.47
CA GLY A 227 11.06 4.42 -2.26
C GLY A 227 11.29 3.04 -1.66
N ALA A 228 11.93 2.16 -2.43
CA ALA A 228 12.18 0.78 -1.99
C ALA A 228 13.64 0.53 -1.66
N THR A 229 13.86 -0.11 -0.50
CA THR A 229 15.20 -0.57 -0.10
C THR A 229 15.27 -2.10 -0.07
N THR A 230 16.49 -2.63 -0.12
CA THR A 230 16.72 -4.08 -0.10
C THR A 230 17.09 -4.55 1.33
N PRO A 231 17.27 -5.88 1.52
CA PRO A 231 17.80 -6.38 2.79
C PRO A 231 19.19 -5.84 3.16
N LYS A 232 19.89 -5.26 2.19
CA LYS A 232 21.20 -4.65 2.44
C LYS A 232 21.08 -3.16 2.82
N GLY A 233 19.86 -2.67 2.94
CA GLY A 233 19.62 -1.25 3.24
C GLY A 233 20.12 -0.30 2.17
N LYS A 234 20.12 -0.78 0.92
CA LYS A 234 20.48 0.02 -0.25
C LYS A 234 19.23 0.25 -1.10
N ARG A 235 19.32 1.17 -2.06
CA ARG A 235 18.21 1.41 -2.99
C ARG A 235 18.00 0.20 -3.90
N ALA A 236 16.78 -0.31 -3.92
CA ALA A 236 16.40 -1.34 -4.88
C ALA A 236 16.62 -0.74 -6.28
N PRO A 237 17.28 -1.48 -7.18
CA PRO A 237 17.76 -0.92 -8.45
C PRO A 237 16.66 -0.32 -9.34
N PHE A 238 15.42 -0.77 -9.15
CA PHE A 238 14.29 -0.29 -9.93
C PHE A 238 13.63 0.94 -9.30
N SER A 239 13.92 1.23 -8.03
CA SER A 239 13.19 2.26 -7.29
C SER A 239 13.40 3.66 -7.85
N ASN A 240 12.29 4.35 -8.12
CA ASN A 240 12.37 5.76 -8.42
C ASN A 240 12.94 6.53 -7.22
N TYR A 241 13.44 7.73 -7.48
CA TYR A 241 14.29 8.43 -6.53
C TYR A 241 14.15 9.94 -6.63
N GLY A 242 14.95 10.66 -5.85
CA GLY A 242 15.03 12.12 -5.95
C GLY A 242 14.20 12.87 -4.92
N ALA A 243 14.10 14.18 -5.11
CA ALA A 243 13.47 15.08 -4.13
C ALA A 243 12.00 14.77 -3.83
N ARG A 244 11.29 14.14 -4.76
CA ARG A 244 9.86 13.84 -4.55
C ARG A 244 9.63 12.53 -3.79
N VAL A 245 10.73 11.83 -3.49
CA VAL A 245 10.68 10.68 -2.58
C VAL A 245 11.05 11.15 -1.17
N HIS A 246 10.18 10.87 -0.21
CA HIS A 246 10.28 11.41 1.15
C HIS A 246 10.93 10.44 2.16
N LEU A 247 10.74 9.15 1.94
CA LEU A 247 11.37 8.11 2.76
C LEU A 247 11.31 6.78 2.04
N ALA A 248 11.93 5.77 2.64
CA ALA A 248 12.00 4.45 2.04
C ALA A 248 11.53 3.35 2.99
N ALA A 249 11.22 2.18 2.44
CA ALA A 249 10.89 1.00 3.22
C ALA A 249 11.27 -0.25 2.45
N PRO A 250 11.41 -1.39 3.14
CA PRO A 250 11.74 -2.64 2.43
C PRO A 250 10.80 -2.89 1.25
N GLY A 251 11.41 -3.11 0.09
CA GLY A 251 10.66 -3.30 -1.14
C GLY A 251 11.16 -4.41 -2.05
N THR A 252 12.02 -5.29 -1.52
CA THR A 252 12.38 -6.53 -2.20
C THR A 252 12.28 -7.68 -1.21
N ASN A 253 12.11 -8.89 -1.73
CA ASN A 253 12.02 -10.08 -0.89
C ASN A 253 10.95 -9.95 0.21
N ILE A 254 9.80 -9.36 -0.17
CA ILE A 254 8.68 -9.11 0.74
C ILE A 254 7.67 -10.25 0.68
N LEU A 255 7.57 -11.01 1.77
CA LEU A 255 6.65 -12.12 1.87
C LEU A 255 5.28 -11.62 2.32
N SER A 256 4.25 -11.92 1.54
CA SER A 256 2.87 -11.56 1.90
C SER A 256 1.87 -12.53 1.29
N THR A 257 0.59 -12.22 1.49
CA THR A 257 -0.55 -13.04 1.07
C THR A 257 -0.80 -12.93 -0.43
N ILE A 258 -0.87 -14.07 -1.10
CA ILE A 258 -1.13 -14.15 -2.55
C ILE A 258 -2.14 -15.26 -2.85
N ASP A 259 -2.43 -15.45 -4.14
CA ASP A 259 -3.05 -16.68 -4.63
C ASP A 259 -2.07 -17.38 -5.58
N VAL A 260 -2.20 -18.68 -5.74
CA VAL A 260 -1.35 -19.43 -6.68
C VAL A 260 -1.80 -19.32 -8.14
N GLY A 261 -3.04 -18.87 -8.35
CA GLY A 261 -3.63 -18.81 -9.69
C GLY A 261 -2.87 -17.91 -10.65
N GLN A 262 -2.55 -18.43 -11.84
CA GLN A 262 -1.92 -17.64 -12.89
C GLN A 262 -2.93 -16.79 -13.64
N ALA A 263 -4.17 -17.23 -13.64
CA ALA A 263 -5.28 -16.48 -14.23
C ALA A 263 -6.25 -16.11 -13.11
N GLY A 264 -7.41 -16.78 -13.05
CA GLY A 264 -8.36 -16.56 -11.93
C GLY A 264 -7.83 -17.15 -10.62
N PRO A 265 -8.51 -16.85 -9.50
CA PRO A 265 -8.14 -17.45 -8.21
C PRO A 265 -8.20 -18.98 -8.23
N VAL A 266 -7.22 -19.61 -7.58
CA VAL A 266 -7.16 -21.07 -7.48
C VAL A 266 -7.02 -21.52 -6.02
N ARG A 267 -6.06 -20.93 -5.31
CA ARG A 267 -5.79 -21.32 -3.93
C ARG A 267 -4.96 -20.29 -3.20
N SER A 268 -5.38 -19.94 -1.99
CA SER A 268 -4.65 -19.03 -1.12
C SER A 268 -3.23 -19.53 -0.81
N SER A 269 -2.27 -18.62 -0.83
CA SER A 269 -0.90 -18.93 -0.43
C SER A 269 -0.12 -17.68 -0.03
N TYR A 270 1.20 -17.79 -0.05
CA TYR A 270 2.09 -16.72 0.40
C TYR A 270 3.26 -16.69 -0.54
N GLY A 271 3.76 -15.49 -0.83
CA GLY A 271 4.84 -15.37 -1.80
C GLY A 271 5.60 -14.07 -1.69
N MET A 272 6.82 -14.14 -2.16
CA MET A 272 7.69 -13.01 -2.18
C MET A 272 7.48 -12.12 -3.41
N LYS A 273 7.52 -10.79 -3.26
CA LYS A 273 7.41 -9.84 -4.37
C LYS A 273 8.32 -8.65 -4.13
N ALA A 274 8.70 -7.98 -5.22
CA ALA A 274 9.51 -6.77 -5.17
C ALA A 274 8.81 -5.59 -5.85
N GLY A 275 8.99 -4.39 -5.30
CA GLY A 275 8.44 -3.17 -5.90
C GLY A 275 8.27 -2.09 -4.86
N THR A 276 8.26 -0.82 -5.30
CA THR A 276 7.91 0.29 -4.42
C THR A 276 6.47 0.13 -3.92
N SER A 277 5.68 -0.67 -4.64
CA SER A 277 4.30 -0.94 -4.25
C SER A 277 4.28 -1.66 -2.91
N MET A 278 5.31 -2.48 -2.66
CA MET A 278 5.43 -3.21 -1.41
C MET A 278 5.92 -2.28 -0.30
N ALA A 279 6.91 -1.45 -0.63
CA ALA A 279 7.46 -0.49 0.32
C ALA A 279 6.35 0.37 0.90
N ALA A 280 5.54 0.96 0.02
CA ALA A 280 4.40 1.79 0.44
C ALA A 280 3.57 1.19 1.61
N PRO A 281 3.09 -0.08 1.50
CA PRO A 281 2.30 -0.64 2.61
C PRO A 281 3.06 -0.77 3.95
N HIS A 282 4.38 -0.89 3.93
CA HIS A 282 5.15 -0.85 5.19
C HIS A 282 4.94 0.51 5.86
N VAL A 283 5.03 1.58 5.07
CA VAL A 283 4.84 2.94 5.58
C VAL A 283 3.39 3.14 6.04
N SER A 284 2.43 2.70 5.24
CA SER A 284 1.00 2.74 5.60
C SER A 284 0.72 2.01 6.91
N GLY A 285 1.35 0.84 7.06
CA GLY A 285 1.24 0.04 8.30
C GLY A 285 1.80 0.76 9.51
N VAL A 286 2.99 1.34 9.36
CA VAL A 286 3.62 2.11 10.44
C VAL A 286 2.79 3.36 10.79
N ALA A 287 2.24 4.03 9.78
CA ALA A 287 1.28 5.13 9.99
C ALA A 287 0.13 4.72 10.91
N ALA A 288 -0.46 3.55 10.65
CA ALA A 288 -1.52 3.00 11.49
C ALA A 288 -1.04 2.73 12.92
N LEU A 289 0.18 2.22 13.06
CA LEU A 289 0.77 1.98 14.38
C LEU A 289 0.84 3.28 15.18
N VAL A 290 1.35 4.32 14.52
CA VAL A 290 1.53 5.64 15.12
C VAL A 290 0.18 6.26 15.54
N ILE A 291 -0.84 6.12 14.68
CA ILE A 291 -2.18 6.62 14.98
C ILE A 291 -2.77 5.92 16.22
N SER A 292 -2.56 4.60 16.32
CA SER A 292 -3.06 3.85 17.48
C SER A 292 -2.36 4.29 18.78
N ALA A 293 -1.09 4.69 18.66
CA ALA A 293 -0.34 5.19 19.80
C ALA A 293 -0.85 6.58 20.21
N ALA A 294 -1.07 7.45 19.22
CA ALA A 294 -1.61 8.79 19.47
C ALA A 294 -3.02 8.75 20.07
N ASN A 295 -3.85 7.84 19.54
CA ASN A 295 -5.20 7.62 20.09
C ASN A 295 -5.16 7.30 21.58
N SER A 296 -4.16 6.50 21.99
CA SER A 296 -4.06 6.04 23.38
C SER A 296 -3.87 7.19 24.40
N ILE A 297 -3.35 8.32 23.93
CA ILE A 297 -3.17 9.51 24.79
C ILE A 297 -4.11 10.67 24.38
N GLY A 298 -5.09 10.34 23.54
CA GLY A 298 -6.10 11.32 23.11
C GLY A 298 -5.54 12.44 22.25
N LYS A 299 -4.46 12.15 21.52
CA LYS A 299 -3.82 13.13 20.64
C LYS A 299 -4.30 13.00 19.19
N THR A 300 -4.80 14.11 18.66
CA THR A 300 -5.19 14.21 17.25
C THR A 300 -3.95 14.49 16.39
N LEU A 301 -3.76 13.70 15.33
CA LEU A 301 -2.71 13.96 14.34
C LEU A 301 -3.31 14.25 12.98
N THR A 302 -2.93 15.40 12.38
CA THR A 302 -3.26 15.69 10.99
C THR A 302 -2.36 14.82 10.10
N PRO A 303 -2.74 14.61 8.82
CA PRO A 303 -1.85 13.92 7.88
C PRO A 303 -0.47 14.57 7.80
N SER A 304 -0.43 15.91 7.84
CA SER A 304 0.82 16.66 7.84
C SER A 304 1.70 16.33 9.05
N GLU A 305 1.06 16.21 10.22
CA GLU A 305 1.77 15.89 11.45
C GLU A 305 2.27 14.44 11.42
N LEU A 306 1.41 13.54 10.93
CA LEU A 306 1.74 12.12 10.86
C LEU A 306 2.90 11.86 9.90
N SER A 307 2.85 12.46 8.71
N SER A 307 2.84 12.45 8.71
CA SER A 307 3.93 12.33 7.73
CA SER A 307 3.92 12.35 7.73
C SER A 307 5.25 12.89 8.27
C SER A 307 5.24 12.87 8.30
N ASP A 308 5.18 14.02 8.97
CA ASP A 308 6.35 14.64 9.61
C ASP A 308 7.02 13.63 10.56
N ILE A 309 6.22 13.03 11.43
CA ILE A 309 6.69 12.00 12.36
C ILE A 309 7.40 10.85 11.63
N LEU A 310 6.76 10.31 10.60
CA LEU A 310 7.31 9.18 9.84
C LEU A 310 8.64 9.52 9.15
N VAL A 311 8.72 10.72 8.60
CA VAL A 311 9.89 11.13 7.84
C VAL A 311 11.07 11.52 8.76
N ARG A 312 10.78 12.26 9.82
CA ARG A 312 11.84 12.76 10.70
C ARG A 312 12.47 11.67 11.60
N THR A 313 11.76 10.56 11.81
CA THR A 313 12.22 9.49 12.71
C THR A 313 12.81 8.27 12.01
N THR A 314 13.12 8.39 10.72
CA THR A 314 13.63 7.24 9.97
C THR A 314 15.01 6.76 10.45
N SER A 315 15.30 5.49 10.20
CA SER A 315 16.60 4.89 10.48
C SER A 315 17.51 5.08 9.28
N ARG A 316 18.81 4.89 9.49
CA ARG A 316 19.81 5.22 8.49
C ARG A 316 19.91 4.17 7.39
N PHE A 317 20.09 4.63 6.16
CA PHE A 317 20.46 3.75 5.06
C PHE A 317 21.82 3.10 5.35
N ASN A 318 22.14 2.03 4.63
CA ASN A 318 23.45 1.43 4.73
C ASN A 318 24.46 2.29 3.98
N GLY A 319 25.14 3.18 4.70
CA GLY A 319 26.04 4.15 4.08
C GLY A 319 25.30 5.10 3.16
N ARG A 320 26.02 5.66 2.19
CA ARG A 320 25.40 6.56 1.20
C ARG A 320 24.84 5.77 0.03
N LEU A 321 23.66 6.18 -0.44
CA LEU A 321 23.01 5.54 -1.58
C LEU A 321 23.44 6.19 -2.90
N ASP A 322 23.08 5.57 -4.02
CA ASP A 322 23.47 6.10 -5.33
C ASP A 322 22.59 7.28 -5.77
N ARG A 323 21.40 7.39 -5.18
CA ARG A 323 20.45 8.46 -5.49
C ARG A 323 19.75 8.90 -4.22
N GLY A 324 19.12 10.07 -4.28
CA GLY A 324 18.25 10.52 -3.19
C GLY A 324 17.07 9.58 -3.03
N LEU A 325 16.74 9.22 -1.80
CA LEU A 325 15.63 8.31 -1.52
C LEU A 325 14.95 8.70 -0.21
N GLY A 326 14.86 10.00 0.03
CA GLY A 326 14.27 10.51 1.25
C GLY A 326 15.17 10.42 2.47
N SER A 327 14.58 10.56 3.64
CA SER A 327 15.33 10.74 4.89
C SER A 327 16.01 9.48 5.46
N GLY A 328 15.49 8.31 5.07
CA GLY A 328 15.96 7.04 5.64
C GLY A 328 14.86 6.00 5.51
N ILE A 329 15.00 4.91 6.27
CA ILE A 329 14.03 3.81 6.24
C ILE A 329 13.02 4.00 7.37
N VAL A 330 11.74 3.86 7.06
CA VAL A 330 10.68 4.03 8.07
C VAL A 330 10.99 3.17 9.32
N ASP A 331 10.89 3.81 10.49
CA ASP A 331 11.22 3.16 11.76
C ASP A 331 10.03 3.32 12.69
N ALA A 332 9.27 2.23 12.86
CA ALA A 332 8.05 2.26 13.67
C ALA A 332 8.34 2.58 15.14
N ASN A 333 9.45 2.04 15.65
CA ASN A 333 9.85 2.24 17.04
C ASN A 333 10.15 3.72 17.34
N ALA A 334 10.95 4.34 16.47
CA ALA A 334 11.31 5.76 16.58
C ALA A 334 10.10 6.67 16.33
N ALA A 335 9.23 6.26 15.40
CA ALA A 335 8.00 7.00 15.12
C ALA A 335 7.09 7.06 16.34
N VAL A 336 6.89 5.93 17.00
CA VAL A 336 6.04 5.86 18.19
C VAL A 336 6.68 6.60 19.36
N ASN A 337 8.02 6.53 19.46
CA ASN A 337 8.77 7.30 20.44
C ASN A 337 8.51 8.81 20.33
N ALA A 338 8.32 9.28 19.10
CA ALA A 338 8.02 10.69 18.84
C ALA A 338 6.66 11.14 19.40
N VAL A 339 5.71 10.21 19.51
CA VAL A 339 4.37 10.56 20.00
C VAL A 339 4.16 10.30 21.50
N LEU A 340 4.76 9.24 22.02
CA LEU A 340 4.54 8.83 23.42
C LEU A 340 5.71 9.17 24.34
N GLY A 341 6.86 9.46 23.76
CA GLY A 341 8.10 9.59 24.50
C GLY A 341 8.71 8.22 24.75
N ASP A 342 9.79 8.18 25.51
CA ASP A 342 10.44 6.92 25.85
C ASP A 342 9.71 6.21 26.98
CA CA B . -1.33 -15.17 9.90
CA CA C . -16.72 -6.60 -8.26
CA CA D . -18.04 -4.93 -11.58
C1 GOL E . 0.05 15.86 3.37
O1 GOL E . 0.66 17.05 2.90
C2 GOL E . 1.12 14.94 3.96
O2 GOL E . 2.03 15.71 4.71
C3 GOL E . 1.85 14.24 2.82
O3 GOL E . 3.09 13.73 3.28
CL CL F . -25.94 9.16 -5.53
#